data_3IIY
#
_entry.id   3IIY
#
_cell.length_a   57.573
_cell.length_b   85.180
_cell.length_c   91.352
_cell.angle_alpha   90.00
_cell.angle_beta   90.00
_cell.angle_gamma   90.00
#
_symmetry.space_group_name_H-M   'P 21 21 21'
#
loop_
_entity.id
_entity.type
_entity.pdbx_description
1 polymer 'Polycomb protein EED'
2 polymer 'Histone H1K26 peptide'
3 water water
#
loop_
_entity_poly.entity_id
_entity_poly.type
_entity_poly.pdbx_seq_one_letter_code
_entity_poly.pdbx_strand_id
1 'polypeptide(L)'
;KCKYSFKCVNSLKEDHNQPLFGVQFNWHSKEGDPLVFATVGSNRVTLYECHSQGEIRLLQSYVDADADENFYTCAWTYDS
NTSHPLLAVAGSRGIIRIINPITMQCIKHYVGHGNAINELKFHPRDPNLLLSVSKDHALRLWNIQTDTLVAIFGGVEGHR
DEVLSADYDLLGEKIMSCGMDHSLKLWRINSKRMMNAIKESYDYNPNKTNRPFISQKIHFPDFSTRDIHRNYVDCVRWLG
DLILSKSCENAIVCWKPGKMEDDIDKIKPSESNVTILGRFDYSQCDIWYMRFSTDFWQKMLALGNQVGKLYVWDLEVEDP
HKAKCTTLTHHKCGAAIRQTSFSRDSSILIAVCDDASIWRWDRLR
;
A
2 'polypeptide(L)' KKKAR(M3L)SAGAA B
#
# COMPACT_ATOMS: atom_id res chain seq x y z
N LYS A 1 -25.90 -13.66 0.01
CA LYS A 1 -25.04 -12.50 -0.40
C LYS A 1 -23.86 -12.23 0.54
N CYS A 2 -23.28 -11.03 0.38
CA CYS A 2 -22.12 -10.56 1.15
C CYS A 2 -22.48 -10.35 2.62
N LYS A 3 -21.69 -10.93 3.53
CA LYS A 3 -21.95 -10.83 4.98
C LYS A 3 -21.87 -9.41 5.54
N TYR A 4 -21.30 -8.49 4.76
CA TYR A 4 -20.96 -7.14 5.25
C TYR A 4 -21.72 -5.98 4.58
N SER A 5 -22.47 -5.23 5.40
CA SER A 5 -23.34 -4.13 4.96
C SER A 5 -22.93 -2.80 5.58
N PHE A 6 -22.77 -1.78 4.74
CA PHE A 6 -22.38 -0.48 5.21
C PHE A 6 -23.43 0.54 4.85
N LYS A 7 -23.51 1.61 5.65
CA LYS A 7 -24.32 2.77 5.36
C LYS A 7 -23.43 4.01 5.36
N CYS A 8 -23.66 4.93 4.43
CA CYS A 8 -22.89 6.17 4.40
C CYS A 8 -23.38 7.12 5.48
N VAL A 9 -22.48 7.50 6.40
CA VAL A 9 -22.84 8.30 7.57
C VAL A 9 -22.30 9.73 7.56
N ASN A 10 -21.28 9.98 6.75
CA ASN A 10 -20.72 11.31 6.66
C ASN A 10 -19.77 11.43 5.47
N SER A 11 -19.49 12.68 5.12
CA SER A 11 -18.72 13.02 3.96
C SER A 11 -18.09 14.37 4.25
N LEU A 12 -16.88 14.62 3.76
CA LEU A 12 -16.30 15.97 3.80
C LEU A 12 -15.30 16.18 2.67
N LYS A 13 -14.68 17.36 2.63
CA LYS A 13 -13.81 17.75 1.53
C LYS A 13 -12.73 18.72 2.02
N GLU A 14 -11.47 18.42 1.69
CA GLU A 14 -10.34 19.25 2.12
C GLU A 14 -10.19 20.53 1.27
N ASP A 15 -9.61 21.57 1.86
CA ASP A 15 -9.60 22.93 1.27
C ASP A 15 -8.85 23.05 -0.06
N HIS A 16 -7.88 22.16 -0.29
CA HIS A 16 -6.95 22.26 -1.42
C HIS A 16 -7.52 21.87 -2.80
N ASN A 17 -8.62 21.14 -2.82
CA ASN A 17 -9.21 20.61 -4.07
C ASN A 17 -8.29 19.80 -4.99
N GLN A 18 -7.23 19.20 -4.43
CA GLN A 18 -6.38 18.26 -5.17
C GLN A 18 -6.79 16.82 -4.88
N PRO A 19 -6.37 15.87 -5.75
CA PRO A 19 -6.64 14.46 -5.47
C PRO A 19 -6.07 13.99 -4.14
N LEU A 20 -6.90 13.32 -3.34
CA LEU A 20 -6.43 12.54 -2.21
C LEU A 20 -6.03 11.16 -2.73
N PHE A 21 -4.73 10.89 -2.71
CA PHE A 21 -4.18 9.70 -3.33
C PHE A 21 -4.12 8.48 -2.40
N GLY A 22 -4.11 8.73 -1.10
CA GLY A 22 -3.99 7.64 -0.13
C GLY A 22 -4.78 7.93 1.12
N VAL A 23 -5.28 6.87 1.75
CA VAL A 23 -5.87 6.95 3.08
C VAL A 23 -5.42 5.73 3.85
N GLN A 24 -4.94 5.91 5.06
CA GLN A 24 -4.61 4.76 5.92
C GLN A 24 -5.16 5.00 7.33
N PHE A 25 -5.89 4.02 7.84
CA PHE A 25 -6.21 3.96 9.26
C PHE A 25 -4.98 3.52 10.04
N ASN A 26 -4.87 4.01 11.27
CA ASN A 26 -3.83 3.55 12.18
C ASN A 26 -4.27 2.28 12.90
N TRP A 27 -3.67 1.14 12.54
CA TRP A 27 -4.01 -0.14 13.18
C TRP A 27 -3.18 -0.41 14.45
N HIS A 28 -2.25 0.50 14.77
CA HIS A 28 -1.47 0.41 16.00
C HIS A 28 -1.97 1.34 17.13
N SER A 29 -3.21 1.84 17.02
CA SER A 29 -3.76 2.76 18.05
C SER A 29 -4.24 1.99 19.27
N LYS A 30 -3.89 2.50 20.46
CA LYS A 30 -4.17 1.87 21.76
C LYS A 30 -5.65 1.58 22.06
N GLU A 31 -5.90 0.57 22.89
CA GLU A 31 -7.25 0.25 23.35
C GLU A 31 -7.90 1.48 23.99
N GLY A 32 -9.10 1.84 23.51
CA GLY A 32 -9.88 2.93 24.08
C GLY A 32 -9.64 4.30 23.47
N ASP A 33 -8.60 4.43 22.64
CA ASP A 33 -8.41 5.65 21.86
C ASP A 33 -9.34 5.56 20.65
N PRO A 34 -9.87 6.71 20.19
CA PRO A 34 -10.73 6.64 19.00
C PRO A 34 -9.96 6.22 17.75
N LEU A 35 -10.70 5.79 16.74
CA LEU A 35 -10.13 5.33 15.50
C LEU A 35 -9.65 6.52 14.65
N VAL A 36 -8.37 6.49 14.31
CA VAL A 36 -7.71 7.59 13.62
C VAL A 36 -7.29 7.13 12.24
N PHE A 37 -7.57 7.95 11.23
CA PHE A 37 -7.01 7.70 9.90
C PHE A 37 -6.27 8.90 9.34
N ALA A 38 -5.33 8.64 8.44
CA ALA A 38 -4.59 9.69 7.76
C ALA A 38 -4.89 9.69 6.26
N THR A 39 -5.04 10.89 5.69
CA THR A 39 -5.16 11.08 4.24
C THR A 39 -3.91 11.76 3.70
N VAL A 40 -3.54 11.42 2.46
CA VAL A 40 -2.53 12.17 1.74
C VAL A 40 -3.05 12.69 0.39
N GLY A 41 -2.74 13.95 0.11
CA GLY A 41 -3.08 14.60 -1.14
C GLY A 41 -2.45 15.96 -1.15
N SER A 42 -2.24 16.52 -2.34
CA SER A 42 -1.55 17.80 -2.49
C SER A 42 -0.19 17.66 -1.80
N ASN A 43 0.31 18.71 -1.15
CA ASN A 43 1.59 18.62 -0.44
C ASN A 43 1.44 18.43 1.07
N ARG A 44 0.36 17.74 1.47
CA ARG A 44 0.10 17.53 2.89
C ARG A 44 -0.38 16.13 3.28
N VAL A 45 -0.29 15.86 4.58
CA VAL A 45 -0.94 14.71 5.19
C VAL A 45 -1.79 15.23 6.34
N THR A 46 -2.99 14.68 6.51
CA THR A 46 -3.93 15.14 7.52
C THR A 46 -4.47 13.98 8.36
N LEU A 47 -4.62 14.20 9.66
CA LEU A 47 -5.19 13.19 10.54
C LEU A 47 -6.61 13.56 10.96
N TYR A 48 -7.50 12.57 10.95
CA TYR A 48 -8.86 12.76 11.47
C TYR A 48 -9.17 11.70 12.52
N GLU A 49 -10.12 12.02 13.39
CA GLU A 49 -10.58 11.08 14.41
C GLU A 49 -12.05 10.74 14.12
N CYS A 50 -12.42 9.47 14.24
CA CYS A 50 -13.83 9.06 14.07
C CYS A 50 -14.59 9.02 15.38
N HIS A 51 -15.79 9.60 15.37
CA HIS A 51 -16.68 9.58 16.53
C HIS A 51 -18.09 9.15 16.12
N SER A 52 -18.97 8.96 17.11
CA SER A 52 -20.37 8.59 16.88
C SER A 52 -21.13 9.64 16.07
N GLN A 53 -22.29 9.23 15.55
CA GLN A 53 -23.09 10.07 14.64
C GLN A 53 -22.32 10.43 13.39
N GLY A 54 -21.35 9.58 13.05
CA GLY A 54 -20.56 9.73 11.83
C GLY A 54 -19.62 10.92 11.81
N GLU A 55 -19.41 11.55 12.96
CA GLU A 55 -18.56 12.73 13.01
C GLU A 55 -17.11 12.38 12.68
N ILE A 56 -16.53 13.14 11.75
CA ILE A 56 -15.12 13.00 11.42
C ILE A 56 -14.40 14.27 11.88
N ARG A 57 -13.72 14.17 13.01
CA ARG A 57 -13.06 15.32 13.61
C ARG A 57 -11.66 15.63 13.04
N LEU A 58 -11.52 16.83 12.47
CA LEU A 58 -10.25 17.34 11.92
C LEU A 58 -9.22 17.63 13.02
N LEU A 59 -8.01 17.11 12.86
CA LEU A 59 -6.96 17.33 13.86
C LEU A 59 -5.86 18.30 13.39
N GLN A 60 -4.87 17.76 12.69
CA GLN A 60 -3.70 18.53 12.35
C GLN A 60 -3.01 17.96 11.10
N SER A 61 -2.44 18.83 10.28
CA SER A 61 -1.75 18.39 9.09
C SER A 61 -0.26 18.62 9.17
N TYR A 62 0.49 17.91 8.34
CA TYR A 62 1.87 18.26 8.06
C TYR A 62 1.88 18.75 6.62
N VAL A 63 2.30 20.00 6.41
CA VAL A 63 2.37 20.61 5.08
C VAL A 63 3.83 20.78 4.69
N ASP A 64 4.20 20.21 3.55
CA ASP A 64 5.59 20.25 3.10
C ASP A 64 6.02 21.68 2.72
N ALA A 65 7.26 22.01 3.11
CA ALA A 65 7.91 23.27 2.76
C ALA A 65 7.84 23.55 1.26
N ASP A 66 8.26 22.56 0.47
CA ASP A 66 8.16 22.62 -0.98
C ASP A 66 6.69 22.55 -1.40
N ALA A 67 6.23 23.61 -2.07
CA ALA A 67 4.88 23.67 -2.65
C ALA A 67 4.72 22.71 -3.84
N ASP A 68 5.85 22.22 -4.36
CA ASP A 68 5.89 21.26 -5.47
C ASP A 68 5.79 19.79 -5.05
N GLU A 69 5.91 19.51 -3.75
CA GLU A 69 5.70 18.15 -3.24
C GLU A 69 4.26 17.72 -3.47
N ASN A 70 4.09 16.50 -3.95
CA ASN A 70 2.76 15.89 -3.99
C ASN A 70 2.84 14.54 -3.30
N PHE A 71 2.20 14.41 -2.14
CA PHE A 71 2.19 13.15 -1.40
C PHE A 71 1.24 12.14 -2.03
N TYR A 72 1.74 10.92 -2.24
CA TYR A 72 0.98 9.84 -2.89
C TYR A 72 0.58 8.76 -1.89
N THR A 73 1.42 8.55 -0.88
CA THR A 73 1.29 7.37 -0.07
C THR A 73 1.65 7.57 1.38
N CYS A 74 1.03 6.80 2.27
CA CYS A 74 1.43 6.77 3.68
C CYS A 74 1.33 5.39 4.32
N ALA A 75 2.07 5.19 5.40
CA ALA A 75 1.97 3.96 6.20
C ALA A 75 2.23 4.21 7.67
N TRP A 76 1.51 3.48 8.51
CA TRP A 76 1.66 3.55 9.94
C TRP A 76 2.61 2.47 10.45
N THR A 77 3.43 2.86 11.43
CA THR A 77 4.16 1.92 12.26
C THR A 77 4.19 2.48 13.68
N TYR A 78 5.02 1.93 14.55
CA TYR A 78 5.28 2.54 15.84
C TYR A 78 6.78 2.54 16.14
N ASP A 79 7.20 3.47 16.99
CA ASP A 79 8.53 3.46 17.56
C ASP A 79 8.65 2.19 18.36
N SER A 80 9.73 1.45 18.15
CA SER A 80 9.90 0.13 18.78
C SER A 80 10.32 0.18 20.26
N ASN A 81 10.77 1.35 20.71
CA ASN A 81 11.21 1.54 22.08
C ASN A 81 10.13 2.14 23.00
N THR A 82 9.62 3.30 22.60
CA THR A 82 8.43 3.92 23.19
C THR A 82 7.29 3.36 22.36
N SER A 83 6.09 3.24 22.90
CA SER A 83 5.08 2.53 22.12
C SER A 83 4.40 3.40 21.05
N HIS A 84 4.96 4.58 20.78
CA HIS A 84 4.22 5.59 20.03
C HIS A 84 4.14 5.34 18.53
N PRO A 85 2.95 5.54 17.93
CA PRO A 85 2.77 5.38 16.48
C PRO A 85 3.63 6.35 15.68
N LEU A 86 4.01 5.92 14.48
CA LEU A 86 4.73 6.77 13.55
C LEU A 86 4.03 6.65 12.20
N LEU A 87 4.10 7.73 11.43
CA LEU A 87 3.49 7.76 10.12
C LEU A 87 4.52 8.15 9.08
N ALA A 88 4.79 7.25 8.13
CA ALA A 88 5.67 7.58 7.02
C ALA A 88 4.86 8.07 5.84
N VAL A 89 5.30 9.16 5.21
CA VAL A 89 4.67 9.68 3.98
C VAL A 89 5.73 9.88 2.89
N ALA A 90 5.30 9.82 1.63
CA ALA A 90 6.18 10.00 0.47
C ALA A 90 5.39 10.30 -0.81
N GLY A 91 6.09 10.80 -1.83
CA GLY A 91 5.46 11.23 -3.09
C GLY A 91 6.44 11.62 -4.19
N SER A 92 6.06 12.61 -5.01
CA SER A 92 6.83 12.98 -6.22
C SER A 92 8.31 13.33 -6.01
N ARG A 93 8.64 14.00 -4.92
CA ARG A 93 10.04 14.34 -4.65
C ARG A 93 10.94 13.14 -4.29
N GLY A 94 10.33 12.00 -4.01
CA GLY A 94 11.09 10.79 -3.72
C GLY A 94 11.79 10.88 -2.37
N ILE A 95 11.14 11.54 -1.41
CA ILE A 95 11.67 11.71 -0.07
C ILE A 95 10.72 11.02 0.91
N ILE A 96 11.25 10.14 1.75
CA ILE A 96 10.44 9.51 2.80
C ILE A 96 10.48 10.38 4.06
N ARG A 97 9.30 10.74 4.55
CA ARG A 97 9.20 11.48 5.79
C ARG A 97 8.59 10.66 6.90
N ILE A 98 9.28 10.64 8.04
CA ILE A 98 8.76 9.99 9.23
C ILE A 98 8.17 11.09 10.05
N ILE A 99 6.88 10.98 10.31
CA ILE A 99 6.14 12.02 11.02
C ILE A 99 5.62 11.54 12.37
N ASN A 100 5.86 12.35 13.40
CA ASN A 100 5.27 12.12 14.71
C ASN A 100 3.80 12.53 14.61
N PRO A 101 2.88 11.57 14.73
CA PRO A 101 1.50 11.94 14.43
C PRO A 101 0.84 12.78 15.54
N ILE A 102 1.47 12.86 16.70
CA ILE A 102 0.93 13.69 17.78
C ILE A 102 1.11 15.19 17.47
N THR A 103 2.35 15.63 17.32
CA THR A 103 2.69 17.02 17.05
C THR A 103 2.69 17.35 15.55
N MET A 104 2.72 16.30 14.74
CA MET A 104 2.89 16.38 13.27
C MET A 104 4.28 16.88 12.88
N GLN A 105 5.23 16.71 13.80
CA GLN A 105 6.63 16.98 13.52
C GLN A 105 7.19 15.92 12.61
N CYS A 106 8.00 16.35 11.66
CA CYS A 106 8.81 15.45 10.86
C CYS A 106 10.04 15.09 11.67
N ILE A 107 10.08 13.87 12.20
CA ILE A 107 11.19 13.44 13.05
C ILE A 107 12.49 13.31 12.24
N LYS A 108 12.39 12.70 11.06
CA LYS A 108 13.53 12.44 10.18
C LYS A 108 13.04 12.09 8.78
N HIS A 109 13.95 12.04 7.81
CA HIS A 109 13.58 11.77 6.42
C HIS A 109 14.68 11.02 5.68
N TYR A 110 14.29 10.24 4.68
CA TYR A 110 15.25 9.46 3.90
C TYR A 110 15.20 9.88 2.43
N VAL A 111 16.35 9.96 1.81
CA VAL A 111 16.38 10.36 0.42
C VAL A 111 17.04 9.22 -0.37
N GLY A 112 16.30 8.76 -1.39
CA GLY A 112 16.66 7.56 -2.16
C GLY A 112 17.50 8.01 -3.31
N HIS A 113 16.97 7.96 -4.52
CA HIS A 113 17.57 8.79 -5.57
C HIS A 113 16.79 10.08 -5.85
N GLY A 114 15.64 10.23 -5.19
CA GLY A 114 14.86 11.47 -5.30
C GLY A 114 13.89 11.49 -6.47
N ASN A 115 13.34 10.32 -6.80
CA ASN A 115 12.35 10.15 -7.87
C ASN A 115 11.09 9.53 -7.27
N ALA A 116 9.93 9.85 -7.83
CA ALA A 116 8.66 9.60 -7.14
C ALA A 116 8.58 8.24 -6.43
N ILE A 117 8.17 8.28 -5.17
CA ILE A 117 7.79 7.06 -4.47
C ILE A 117 6.29 6.82 -4.65
N ASN A 118 5.93 5.62 -5.12
CA ASN A 118 4.55 5.28 -5.39
C ASN A 118 3.81 4.59 -4.27
N GLU A 119 4.52 3.83 -3.44
CA GLU A 119 3.88 3.07 -2.37
C GLU A 119 4.87 2.89 -1.22
N LEU A 120 4.35 2.83 0.01
CA LEU A 120 5.16 2.45 1.18
C LEU A 120 4.47 1.33 1.95
N LYS A 121 5.27 0.45 2.53
CA LYS A 121 4.77 -0.69 3.30
C LYS A 121 5.72 -1.00 4.45
N PHE A 122 5.14 -1.26 5.62
CA PHE A 122 5.91 -1.73 6.78
C PHE A 122 5.83 -3.24 6.94
N HIS A 123 6.96 -3.83 7.33
CA HIS A 123 7.08 -5.26 7.67
C HIS A 123 6.04 -5.71 8.72
N PRO A 124 5.36 -6.85 8.47
CA PRO A 124 4.28 -7.31 9.35
C PRO A 124 4.73 -7.74 10.74
N ARG A 125 6.02 -7.99 10.90
CA ARG A 125 6.54 -8.47 12.17
C ARG A 125 7.67 -7.60 12.74
N ASP A 126 8.20 -6.69 11.92
CA ASP A 126 9.26 -5.78 12.34
C ASP A 126 8.89 -4.35 12.00
N PRO A 127 8.48 -3.57 13.00
CA PRO A 127 7.94 -2.21 12.82
C PRO A 127 8.95 -1.23 12.21
N ASN A 128 10.23 -1.64 12.20
CA ASN A 128 11.34 -0.81 11.72
C ASN A 128 11.61 -0.95 10.22
N LEU A 129 11.17 -2.06 9.63
CA LEU A 129 11.50 -2.35 8.25
C LEU A 129 10.51 -1.71 7.26
N LEU A 130 10.97 -0.66 6.60
CA LEU A 130 10.14 0.08 5.67
C LEU A 130 10.54 -0.21 4.22
N LEU A 131 9.54 -0.59 3.43
CA LEU A 131 9.76 -0.86 2.01
C LEU A 131 9.15 0.26 1.17
N SER A 132 9.90 0.77 0.20
CA SER A 132 9.43 1.82 -0.69
C SER A 132 9.56 1.41 -2.16
N VAL A 133 8.54 1.71 -2.96
CA VAL A 133 8.59 1.39 -4.37
C VAL A 133 8.60 2.69 -5.18
N SER A 134 9.41 2.72 -6.24
CA SER A 134 9.74 3.99 -6.86
C SER A 134 9.52 4.08 -8.37
N LYS A 135 9.43 5.32 -8.84
CA LYS A 135 9.35 5.64 -10.26
C LYS A 135 10.67 5.30 -10.98
N ASP A 136 11.75 5.12 -10.22
CA ASP A 136 13.08 4.86 -10.79
C ASP A 136 13.34 3.38 -11.00
N HIS A 137 12.27 2.59 -10.96
CA HIS A 137 12.30 1.16 -11.32
C HIS A 137 12.72 0.27 -10.13
N ALA A 138 13.10 0.89 -9.00
CA ALA A 138 13.62 0.12 -7.87
C ALA A 138 12.73 0.07 -6.62
N LEU A 139 12.94 -0.96 -5.81
CA LEU A 139 12.40 -1.04 -4.46
C LEU A 139 13.56 -0.92 -3.49
N ARG A 140 13.34 -0.20 -2.40
CA ARG A 140 14.33 -0.11 -1.35
C ARG A 140 13.73 -0.52 -0.01
N LEU A 141 14.56 -1.17 0.81
CA LEU A 141 14.21 -1.59 2.14
C LEU A 141 15.03 -0.79 3.15
N TRP A 142 14.36 -0.13 4.08
CA TRP A 142 15.04 0.71 5.07
C TRP A 142 14.86 0.19 6.50
N ASN A 143 15.88 0.41 7.33
CA ASN A 143 15.76 0.18 8.76
C ASN A 143 15.67 1.55 9.46
N ILE A 144 14.47 1.91 9.88
CA ILE A 144 14.19 3.24 10.41
C ILE A 144 14.45 3.33 11.91
N GLN A 145 15.26 2.39 12.39
CA GLN A 145 15.72 2.40 13.76
C GLN A 145 17.18 2.83 13.77
N THR A 146 17.97 2.26 12.87
CA THR A 146 19.37 2.63 12.73
C THR A 146 19.59 3.56 11.53
N ASP A 147 18.48 3.98 10.90
CA ASP A 147 18.52 4.87 9.72
C ASP A 147 19.51 4.35 8.67
N THR A 148 19.22 3.16 8.16
CA THR A 148 20.09 2.51 7.18
C THR A 148 19.27 1.96 6.01
N LEU A 149 19.89 2.01 4.83
CA LEU A 149 19.34 1.43 3.63
C LEU A 149 19.80 -0.02 3.58
N VAL A 150 18.88 -0.96 3.75
CA VAL A 150 19.28 -2.36 3.84
C VAL A 150 19.55 -2.96 2.46
N ALA A 151 18.68 -2.68 1.49
CA ALA A 151 18.82 -3.23 0.14
C ALA A 151 18.07 -2.44 -0.94
N ILE A 152 18.58 -2.57 -2.17
CA ILE A 152 17.96 -2.05 -3.37
C ILE A 152 17.58 -3.27 -4.20
N PHE A 153 16.31 -3.36 -4.56
CA PHE A 153 15.82 -4.43 -5.43
C PHE A 153 15.56 -3.81 -6.77
N GLY A 154 16.48 -4.05 -7.70
CA GLY A 154 16.46 -3.37 -9.00
C GLY A 154 17.20 -4.18 -10.03
N GLY A 155 18.02 -3.52 -10.84
CA GLY A 155 18.80 -4.21 -11.87
C GLY A 155 18.03 -4.47 -13.14
N VAL A 156 18.72 -5.02 -14.14
CA VAL A 156 18.15 -5.29 -15.48
C VAL A 156 17.01 -6.31 -15.42
N GLU A 157 17.20 -7.37 -14.63
CA GLU A 157 16.14 -8.35 -14.38
C GLU A 157 15.10 -7.86 -13.35
N GLY A 158 15.34 -6.70 -12.75
CA GLY A 158 14.33 -6.02 -11.94
C GLY A 158 13.26 -5.42 -12.83
N HIS A 159 12.46 -4.52 -12.29
CA HIS A 159 11.46 -3.82 -13.07
C HIS A 159 12.09 -2.90 -14.12
N ARG A 160 11.49 -2.86 -15.31
CA ARG A 160 12.01 -2.03 -16.41
C ARG A 160 11.21 -0.73 -16.58
N ASP A 161 10.40 -0.40 -15.59
CA ASP A 161 9.53 0.78 -15.63
C ASP A 161 9.00 0.95 -14.21
N GLU A 162 8.21 2.00 -13.96
CA GLU A 162 7.78 2.34 -12.60
C GLU A 162 7.26 1.15 -11.80
N VAL A 163 7.69 1.04 -10.56
CA VAL A 163 7.07 0.13 -9.61
C VAL A 163 5.93 0.92 -8.97
N LEU A 164 4.73 0.34 -8.97
CA LEU A 164 3.56 1.05 -8.46
C LEU A 164 3.06 0.54 -7.09
N SER A 165 3.34 -0.74 -6.81
CA SER A 165 2.77 -1.37 -5.63
C SER A 165 3.66 -2.52 -5.17
N ALA A 166 3.58 -2.87 -3.89
CA ALA A 166 4.28 -4.06 -3.35
C ALA A 166 3.66 -4.51 -2.04
N ASP A 167 3.88 -5.77 -1.69
CA ASP A 167 3.33 -6.33 -0.46
C ASP A 167 4.21 -7.44 0.13
N TYR A 168 4.41 -7.39 1.44
CA TYR A 168 5.00 -8.50 2.18
C TYR A 168 3.95 -9.59 2.36
N ASP A 169 4.41 -10.84 2.29
CA ASP A 169 3.62 -12.00 2.72
C ASP A 169 3.46 -11.97 4.23
N LEU A 170 2.68 -12.90 4.77
CA LEU A 170 2.30 -12.90 6.20
C LEU A 170 3.46 -12.79 7.20
N LEU A 171 4.49 -13.60 7.05
CA LEU A 171 5.60 -13.58 7.99
C LEU A 171 6.69 -12.59 7.58
N GLY A 172 6.45 -11.84 6.51
CA GLY A 172 7.43 -10.87 6.02
C GLY A 172 8.71 -11.54 5.53
N GLU A 173 8.56 -12.69 4.88
CA GLU A 173 9.68 -13.49 4.39
C GLU A 173 9.98 -13.23 2.93
N LYS A 174 8.98 -12.80 2.18
CA LYS A 174 9.13 -12.48 0.78
C LYS A 174 8.25 -11.31 0.41
N ILE A 175 8.63 -10.62 -0.66
CA ILE A 175 7.93 -9.46 -1.17
C ILE A 175 7.44 -9.80 -2.56
N MET A 176 6.23 -9.35 -2.89
CA MET A 176 5.78 -9.35 -4.28
C MET A 176 5.55 -7.90 -4.71
N SER A 177 6.20 -7.50 -5.81
CA SER A 177 6.07 -6.15 -6.40
C SER A 177 5.43 -6.18 -7.79
N CYS A 178 4.93 -5.03 -8.24
CA CYS A 178 4.33 -4.94 -9.57
C CYS A 178 4.48 -3.53 -10.15
N GLY A 179 4.27 -3.38 -11.45
CA GLY A 179 4.40 -2.05 -12.02
C GLY A 179 4.08 -1.84 -13.49
N MET A 180 4.62 -0.77 -14.06
CA MET A 180 4.26 -0.34 -15.41
C MET A 180 4.77 -1.25 -16.52
N ASP A 181 5.69 -2.14 -16.18
CA ASP A 181 6.20 -3.08 -17.19
C ASP A 181 5.32 -4.35 -17.29
N HIS A 182 4.10 -4.26 -16.74
CA HIS A 182 3.09 -5.34 -16.74
C HIS A 182 3.47 -6.58 -15.91
N SER A 183 4.61 -6.55 -15.23
CA SER A 183 5.08 -7.72 -14.49
C SER A 183 4.90 -7.67 -12.96
N LEU A 184 4.69 -8.85 -12.38
CA LEU A 184 4.69 -9.03 -10.94
C LEU A 184 5.95 -9.82 -10.59
N LYS A 185 6.72 -9.35 -9.60
CA LYS A 185 8.00 -9.99 -9.29
C LYS A 185 8.16 -10.33 -7.82
N LEU A 186 8.76 -11.49 -7.55
CA LEU A 186 8.98 -11.98 -6.20
C LEU A 186 10.41 -11.76 -5.76
N TRP A 187 10.59 -11.26 -4.53
CA TRP A 187 11.92 -11.15 -3.97
C TRP A 187 11.88 -11.70 -2.57
N ARG A 188 12.57 -12.81 -2.34
CA ARG A 188 12.64 -13.42 -1.03
C ARG A 188 13.59 -12.61 -0.15
N ILE A 189 13.21 -12.42 1.11
CA ILE A 189 14.06 -11.73 2.07
C ILE A 189 14.40 -12.62 3.28
N ASN A 190 14.20 -13.92 3.11
CA ASN A 190 14.59 -14.90 4.12
C ASN A 190 15.80 -15.73 3.67
N SER A 191 16.47 -15.30 2.61
CA SER A 191 17.75 -15.91 2.24
C SER A 191 18.79 -15.61 3.30
N LYS A 192 19.72 -16.54 3.47
CA LYS A 192 20.95 -16.35 4.25
C LYS A 192 21.47 -14.90 4.15
N ARG A 193 21.63 -14.44 2.91
CA ARG A 193 22.13 -13.10 2.58
C ARG A 193 21.30 -11.98 3.23
N MET A 194 20.00 -11.98 2.96
CA MET A 194 19.12 -10.94 3.46
C MET A 194 18.86 -10.96 4.97
N MET A 195 18.74 -12.15 5.56
CA MET A 195 18.61 -12.23 7.01
C MET A 195 19.87 -11.69 7.69
N ASN A 196 21.02 -11.95 7.07
CA ASN A 196 22.29 -11.43 7.55
C ASN A 196 22.40 -9.92 7.41
N ALA A 197 21.98 -9.40 6.24
CA ALA A 197 21.98 -7.97 5.96
C ALA A 197 21.11 -7.20 6.96
N ILE A 198 19.95 -7.77 7.30
CA ILE A 198 19.03 -7.14 8.25
C ILE A 198 19.64 -7.11 9.64
N LYS A 199 20.32 -8.20 10.01
CA LYS A 199 21.02 -8.28 11.28
C LYS A 199 22.12 -7.22 11.36
N GLU A 200 22.86 -7.06 10.26
CA GLU A 200 23.95 -6.06 10.22
C GLU A 200 23.41 -4.64 10.36
N SER A 201 22.25 -4.38 9.74
CA SER A 201 21.58 -3.07 9.84
C SER A 201 21.25 -2.74 11.29
N TYR A 202 20.99 -3.77 12.09
CA TYR A 202 20.73 -3.59 13.52
C TYR A 202 21.99 -3.31 14.34
N ASP A 203 23.13 -3.88 13.91
CA ASP A 203 24.41 -3.60 14.56
C ASP A 203 25.05 -2.27 14.19
N TYR A 204 24.53 -1.61 13.15
CA TYR A 204 25.20 -0.42 12.63
C TYR A 204 24.91 0.82 13.46
N ASN A 205 26.00 1.46 13.90
CA ASN A 205 25.95 2.75 14.58
C ASN A 205 27.08 3.63 14.04
N PRO A 206 26.73 4.66 13.26
CA PRO A 206 27.71 5.53 12.60
C PRO A 206 28.72 6.16 13.57
N ASN A 207 28.30 6.39 14.82
CA ASN A 207 29.17 7.03 15.80
C ASN A 207 30.13 6.06 16.46
N LYS A 208 29.89 4.76 16.30
CA LYS A 208 30.74 3.76 16.91
C LYS A 208 31.68 3.11 15.90
N THR A 209 31.70 3.63 14.66
CA THR A 209 32.42 3.01 13.55
C THR A 209 32.88 4.02 12.50
N ASN A 210 33.69 3.54 11.54
CA ASN A 210 34.20 4.35 10.43
C ASN A 210 33.56 4.03 9.09
N ARG A 211 33.10 2.81 8.92
CA ARG A 211 32.50 2.34 7.67
C ARG A 211 31.13 2.97 7.40
N PRO A 212 30.81 3.20 6.12
CA PRO A 212 29.39 3.45 5.85
C PRO A 212 28.64 2.10 5.91
N PHE A 213 27.33 2.13 6.08
CA PHE A 213 26.59 0.88 5.97
C PHE A 213 26.48 0.47 4.50
N ILE A 214 27.00 -0.70 4.16
CA ILE A 214 26.87 -1.20 2.78
C ILE A 214 25.53 -1.91 2.60
N SER A 215 24.76 -1.44 1.63
CA SER A 215 23.46 -2.05 1.34
C SER A 215 23.65 -3.18 0.35
N GLN A 216 22.64 -4.05 0.24
CA GLN A 216 22.67 -5.15 -0.74
C GLN A 216 22.06 -4.67 -2.04
N LYS A 217 22.71 -5.01 -3.16
CA LYS A 217 22.11 -4.82 -4.48
C LYS A 217 21.54 -6.15 -4.94
N ILE A 218 20.21 -6.25 -4.92
CA ILE A 218 19.52 -7.47 -5.32
C ILE A 218 19.02 -7.27 -6.74
N HIS A 219 19.61 -8.00 -7.68
CA HIS A 219 19.35 -7.76 -9.11
C HIS A 219 18.51 -8.83 -9.79
N PHE A 220 18.12 -9.85 -9.05
CA PHE A 220 17.41 -10.99 -9.62
C PHE A 220 16.24 -11.38 -8.73
N PRO A 221 15.02 -11.23 -9.24
CA PRO A 221 13.86 -11.73 -8.51
C PRO A 221 13.87 -13.26 -8.47
N ASP A 222 13.19 -13.84 -7.47
CA ASP A 222 13.10 -15.30 -7.32
C ASP A 222 11.94 -15.92 -8.10
N PHE A 223 11.15 -15.05 -8.73
CA PHE A 223 10.13 -15.45 -9.69
C PHE A 223 9.66 -14.18 -10.40
N SER A 224 9.19 -14.33 -11.63
CA SER A 224 8.64 -13.21 -12.40
C SER A 224 7.59 -13.69 -13.41
N THR A 225 6.54 -12.90 -13.59
CA THR A 225 5.54 -13.19 -14.63
C THR A 225 4.97 -11.90 -15.25
N ARG A 226 4.58 -11.99 -16.52
CA ARG A 226 3.86 -10.91 -17.20
C ARG A 226 2.57 -11.47 -17.80
N ASP A 227 2.15 -12.64 -17.31
CA ASP A 227 0.99 -13.36 -17.84
C ASP A 227 -0.32 -13.09 -17.12
N ILE A 228 -0.32 -12.23 -16.10
CA ILE A 228 -1.55 -11.97 -15.36
C ILE A 228 -2.37 -10.84 -15.97
N HIS A 229 -1.71 -9.70 -16.22
CA HIS A 229 -2.38 -8.51 -16.76
C HIS A 229 -1.77 -8.13 -18.13
N ARG A 230 -2.49 -7.28 -18.88
CA ARG A 230 -2.00 -6.80 -20.17
C ARG A 230 -1.73 -5.30 -20.13
N ASN A 231 -1.67 -4.74 -18.93
CA ASN A 231 -1.40 -3.32 -18.75
C ASN A 231 -0.72 -3.07 -17.40
N TYR A 232 -0.57 -1.79 -17.04
CA TYR A 232 0.05 -1.39 -15.79
C TYR A 232 -0.55 -2.14 -14.61
N VAL A 233 0.30 -2.78 -13.80
CA VAL A 233 -0.19 -3.47 -12.62
C VAL A 233 0.00 -2.52 -11.44
N ASP A 234 -1.12 -1.99 -10.93
CA ASP A 234 -1.07 -0.85 -9.98
C ASP A 234 -1.32 -1.16 -8.49
N CYS A 235 -1.54 -2.44 -8.16
CA CYS A 235 -1.90 -2.84 -6.82
C CYS A 235 -1.71 -4.34 -6.59
N VAL A 236 -1.02 -4.71 -5.52
CA VAL A 236 -0.79 -6.13 -5.20
C VAL A 236 -0.90 -6.41 -3.70
N ARG A 237 -1.61 -7.49 -3.35
CA ARG A 237 -1.64 -8.02 -1.96
C ARG A 237 -1.51 -9.54 -1.91
N TRP A 238 -0.83 -10.03 -0.87
CA TRP A 238 -0.81 -11.45 -0.55
C TRP A 238 -2.11 -11.87 0.14
N LEU A 239 -2.68 -12.98 -0.32
CA LEU A 239 -3.74 -13.66 0.42
C LEU A 239 -3.17 -15.03 0.76
N GLY A 240 -2.43 -15.09 1.86
CA GLY A 240 -1.67 -16.29 2.20
C GLY A 240 -0.58 -16.56 1.19
N ASP A 241 -0.64 -17.74 0.57
CA ASP A 241 0.27 -18.15 -0.48
C ASP A 241 -0.22 -17.72 -1.86
N LEU A 242 -1.40 -17.12 -1.93
CA LEU A 242 -1.96 -16.63 -3.18
C LEU A 242 -1.73 -15.13 -3.36
N ILE A 243 -1.83 -14.65 -4.59
CA ILE A 243 -1.72 -13.23 -4.90
C ILE A 243 -3.06 -12.63 -5.37
N LEU A 244 -3.33 -11.41 -4.92
CA LEU A 244 -4.41 -10.61 -5.51
C LEU A 244 -3.78 -9.40 -6.18
N SER A 245 -4.07 -9.20 -7.46
CA SER A 245 -3.47 -8.08 -8.16
C SER A 245 -4.40 -7.49 -9.21
N LYS A 246 -4.22 -6.20 -9.50
CA LYS A 246 -5.03 -5.55 -10.50
C LYS A 246 -4.22 -4.73 -11.47
N SER A 247 -4.84 -4.45 -12.62
CA SER A 247 -4.35 -3.50 -13.58
C SER A 247 -5.49 -2.52 -13.80
N CYS A 248 -5.43 -1.78 -14.90
CA CYS A 248 -6.52 -0.87 -15.24
C CYS A 248 -7.48 -1.53 -16.24
N GLU A 249 -7.74 -2.83 -16.04
CA GLU A 249 -8.60 -3.58 -16.96
C GLU A 249 -9.88 -4.06 -16.27
N ASN A 250 -10.25 -3.37 -15.19
CA ASN A 250 -11.52 -3.63 -14.50
C ASN A 250 -11.62 -5.04 -13.94
N ALA A 251 -10.51 -5.53 -13.38
CA ALA A 251 -10.42 -6.89 -12.88
C ALA A 251 -9.35 -7.00 -11.81
N ILE A 252 -9.68 -7.75 -10.76
CA ILE A 252 -8.74 -8.18 -9.73
C ILE A 252 -8.51 -9.68 -9.92
N VAL A 253 -7.29 -10.08 -10.25
CA VAL A 253 -6.99 -11.50 -10.46
C VAL A 253 -6.44 -12.13 -9.18
N CYS A 254 -6.94 -13.33 -8.86
CA CYS A 254 -6.37 -14.16 -7.81
C CYS A 254 -5.56 -15.25 -8.48
N TRP A 255 -4.29 -15.35 -8.11
CA TRP A 255 -3.37 -16.24 -8.81
C TRP A 255 -2.20 -16.67 -7.94
N LYS A 256 -1.48 -17.70 -8.41
CA LYS A 256 -0.24 -18.15 -7.75
C LYS A 256 0.80 -18.52 -8.81
N PRO A 257 2.10 -18.46 -8.45
CA PRO A 257 3.17 -18.94 -9.34
C PRO A 257 3.16 -20.47 -9.46
N GLY A 258 3.58 -20.98 -10.63
CA GLY A 258 3.64 -22.42 -10.84
C GLY A 258 2.28 -23.06 -11.06
N LYS A 259 2.25 -24.38 -11.12
CA LYS A 259 1.01 -25.11 -11.34
C LYS A 259 0.20 -25.23 -10.06
N MET A 260 -0.97 -25.87 -10.16
CA MET A 260 -1.93 -25.91 -9.05
C MET A 260 -1.34 -26.48 -7.74
N GLU A 261 -0.56 -27.53 -7.85
CA GLU A 261 -0.07 -28.25 -6.67
C GLU A 261 1.32 -27.80 -6.19
N ASP A 262 1.86 -26.75 -6.83
CA ASP A 262 3.21 -26.25 -6.53
C ASP A 262 3.29 -25.41 -5.25
N ASP A 263 4.19 -25.80 -4.35
CA ASP A 263 4.45 -25.02 -3.13
C ASP A 263 5.19 -23.71 -3.46
N ILE A 264 4.75 -22.60 -2.84
CA ILE A 264 5.35 -21.28 -3.05
C ILE A 264 6.86 -21.23 -2.71
N ASP A 265 7.27 -21.96 -1.67
CA ASP A 265 8.67 -21.96 -1.24
C ASP A 265 9.57 -22.92 -2.04
N LYS A 266 8.98 -23.58 -3.02
CA LYS A 266 9.73 -24.44 -3.95
C LYS A 266 9.83 -23.82 -5.34
N ILE A 267 9.23 -22.64 -5.51
CA ILE A 267 9.26 -21.93 -6.80
C ILE A 267 10.64 -21.32 -7.07
N LYS A 268 11.21 -21.67 -8.23
CA LYS A 268 12.53 -21.22 -8.65
C LYS A 268 12.44 -20.08 -9.67
N PRO A 269 13.51 -19.26 -9.80
CA PRO A 269 13.53 -18.13 -10.75
C PRO A 269 13.09 -18.44 -12.19
N SER A 270 13.30 -19.68 -12.63
CA SER A 270 12.98 -20.09 -13.99
C SER A 270 11.51 -20.42 -14.25
N GLU A 271 10.71 -20.55 -13.19
CA GLU A 271 9.28 -20.90 -13.29
C GLU A 271 8.52 -20.11 -14.36
N SER A 272 7.80 -20.84 -15.22
CA SER A 272 7.17 -20.26 -16.41
C SER A 272 5.65 -20.24 -16.34
N ASN A 273 5.09 -20.98 -15.40
CA ASN A 273 3.64 -21.06 -15.24
C ASN A 273 3.10 -20.23 -14.07
N VAL A 274 1.83 -19.85 -14.21
CA VAL A 274 1.02 -19.30 -13.13
C VAL A 274 -0.32 -20.01 -13.21
N THR A 275 -1.13 -19.88 -12.15
CA THR A 275 -2.42 -20.55 -12.06
C THR A 275 -3.49 -19.55 -11.60
N ILE A 276 -4.47 -19.30 -12.47
CA ILE A 276 -5.54 -18.35 -12.18
C ILE A 276 -6.60 -19.05 -11.34
N LEU A 277 -6.80 -18.59 -10.11
CA LEU A 277 -7.78 -19.22 -9.23
C LEU A 277 -9.11 -18.49 -9.20
N GLY A 278 -9.20 -17.42 -9.98
CA GLY A 278 -10.38 -16.56 -9.99
C GLY A 278 -10.11 -15.12 -10.42
N ARG A 279 -11.18 -14.38 -10.70
CA ARG A 279 -11.09 -13.00 -11.15
C ARG A 279 -12.35 -12.22 -10.83
N PHE A 280 -12.20 -11.15 -10.06
CA PHE A 280 -13.32 -10.31 -9.68
C PHE A 280 -13.44 -9.14 -10.64
N ASP A 281 -14.48 -9.14 -11.47
CA ASP A 281 -14.73 -8.03 -12.38
C ASP A 281 -15.54 -6.89 -11.75
N TYR A 282 -15.39 -5.70 -12.33
CA TYR A 282 -16.13 -4.51 -11.92
C TYR A 282 -16.15 -3.53 -13.09
N SER A 283 -16.65 -2.32 -12.86
CA SER A 283 -16.85 -1.35 -13.95
C SER A 283 -16.13 -0.03 -13.72
N GLN A 284 -15.65 0.56 -14.82
CA GLN A 284 -15.25 1.98 -14.86
C GLN A 284 -14.08 2.30 -13.95
N CYS A 285 -12.99 1.61 -14.20
CA CYS A 285 -11.81 1.79 -13.42
C CYS A 285 -10.64 1.53 -14.34
N ASP A 286 -10.57 2.27 -15.43
CA ASP A 286 -9.49 2.03 -16.38
C ASP A 286 -8.42 3.12 -16.38
N ILE A 287 -8.49 4.00 -15.38
CA ILE A 287 -7.36 4.86 -15.08
C ILE A 287 -6.40 4.08 -14.16
N TRP A 288 -5.10 4.43 -14.18
CA TRP A 288 -4.15 3.76 -13.30
C TRP A 288 -3.92 4.53 -12.01
N TYR A 289 -3.39 3.83 -11.01
CA TYR A 289 -3.25 4.31 -9.62
C TYR A 289 -4.59 4.30 -8.85
N MET A 290 -5.18 3.11 -8.78
CA MET A 290 -6.46 2.89 -8.15
C MET A 290 -6.31 1.65 -7.27
N ARG A 291 -6.21 1.86 -5.96
CA ARG A 291 -5.79 0.81 -5.04
C ARG A 291 -6.92 0.24 -4.21
N PHE A 292 -7.01 -1.09 -4.17
CA PHE A 292 -7.94 -1.75 -3.27
C PHE A 292 -7.26 -1.96 -1.90
N SER A 293 -8.05 -2.20 -0.86
CA SER A 293 -7.47 -2.57 0.44
C SER A 293 -8.23 -3.76 1.03
N THR A 294 -7.70 -4.36 2.08
CA THR A 294 -8.43 -5.37 2.86
C THR A 294 -8.45 -4.98 4.32
N ASP A 295 -9.37 -5.56 5.08
CA ASP A 295 -9.41 -5.34 6.52
C ASP A 295 -8.27 -6.14 7.15
N PHE A 296 -8.06 -5.94 8.45
CA PHE A 296 -6.99 -6.61 9.18
C PHE A 296 -6.96 -8.15 9.03
N TRP A 297 -8.11 -8.81 9.15
CA TRP A 297 -8.13 -10.27 9.10
C TRP A 297 -8.10 -10.82 7.68
N GLN A 298 -8.19 -9.91 6.70
CA GLN A 298 -8.35 -10.26 5.28
C GLN A 298 -9.63 -11.03 5.03
N LYS A 299 -10.72 -10.62 5.68
CA LYS A 299 -12.05 -11.20 5.46
C LYS A 299 -12.73 -10.55 4.27
N MET A 300 -12.44 -9.27 4.03
CA MET A 300 -13.08 -8.57 2.96
C MET A 300 -12.11 -7.70 2.20
N LEU A 301 -12.56 -7.21 1.06
CA LEU A 301 -11.72 -6.47 0.12
C LEU A 301 -12.54 -5.33 -0.51
N ALA A 302 -12.02 -4.11 -0.43
CA ALA A 302 -12.74 -2.93 -0.93
C ALA A 302 -11.97 -2.26 -2.04
N LEU A 303 -12.69 -1.83 -3.08
CA LEU A 303 -12.11 -1.07 -4.19
C LEU A 303 -13.11 -0.04 -4.71
N GLY A 304 -12.68 1.21 -4.79
CA GLY A 304 -13.48 2.25 -5.44
C GLY A 304 -13.13 2.35 -6.91
N ASN A 305 -14.10 2.81 -7.73
CA ASN A 305 -13.83 3.06 -9.14
C ASN A 305 -13.78 4.56 -9.49
N GLN A 306 -13.72 4.88 -10.79
CA GLN A 306 -13.42 6.25 -11.22
C GLN A 306 -14.63 7.21 -11.22
N VAL A 307 -15.85 6.69 -11.03
CA VAL A 307 -17.06 7.53 -10.93
C VAL A 307 -17.71 7.50 -9.54
N GLY A 308 -16.99 6.99 -8.55
CA GLY A 308 -17.42 7.07 -7.16
C GLY A 308 -18.20 5.87 -6.62
N LYS A 309 -18.12 4.75 -7.32
CA LYS A 309 -18.72 3.51 -6.86
C LYS A 309 -17.73 2.63 -6.07
N LEU A 310 -18.18 2.14 -4.91
CA LEU A 310 -17.40 1.21 -4.08
C LEU A 310 -17.79 -0.25 -4.29
N TYR A 311 -16.78 -1.10 -4.39
CA TYR A 311 -16.98 -2.53 -4.46
C TYR A 311 -16.42 -3.17 -3.19
N VAL A 312 -17.23 -4.05 -2.56
CA VAL A 312 -16.77 -4.84 -1.40
C VAL A 312 -16.98 -6.32 -1.65
N TRP A 313 -15.90 -7.10 -1.53
CA TRP A 313 -15.96 -8.56 -1.64
C TRP A 313 -15.78 -9.26 -0.29
N ASP A 314 -16.69 -10.20 -0.03
CA ASP A 314 -16.61 -11.13 1.07
C ASP A 314 -15.68 -12.28 0.66
N LEU A 315 -14.50 -12.36 1.27
CA LEU A 315 -13.51 -13.39 0.93
C LEU A 315 -13.63 -14.59 1.84
N GLU A 316 -14.50 -14.46 2.84
CA GLU A 316 -14.76 -15.52 3.82
C GLU A 316 -15.62 -16.62 3.18
N VAL A 317 -15.04 -17.26 2.17
CA VAL A 317 -15.69 -18.32 1.42
C VAL A 317 -14.64 -19.37 1.12
N GLU A 318 -15.07 -20.60 0.83
CA GLU A 318 -14.14 -21.72 0.64
C GLU A 318 -13.06 -21.53 -0.41
N ASP A 319 -13.43 -21.05 -1.58
CA ASP A 319 -12.47 -20.85 -2.65
C ASP A 319 -12.50 -19.40 -3.11
N PRO A 320 -11.38 -18.90 -3.65
CA PRO A 320 -11.31 -17.48 -4.03
C PRO A 320 -12.42 -17.02 -4.97
N HIS A 321 -12.75 -17.84 -5.97
CA HIS A 321 -13.75 -17.46 -6.98
C HIS A 321 -15.21 -17.46 -6.47
N LYS A 322 -15.41 -17.90 -5.23
CA LYS A 322 -16.74 -17.94 -4.62
C LYS A 322 -17.07 -16.65 -3.88
N ALA A 323 -16.18 -15.67 -3.98
CA ALA A 323 -16.27 -14.41 -3.23
C ALA A 323 -17.57 -13.65 -3.48
N LYS A 324 -18.14 -13.08 -2.43
CA LYS A 324 -19.45 -12.44 -2.52
C LYS A 324 -19.31 -10.93 -2.63
N CYS A 325 -19.88 -10.38 -3.69
CA CYS A 325 -19.76 -8.96 -3.95
C CYS A 325 -20.99 -8.16 -3.49
N THR A 326 -20.72 -6.96 -2.99
CA THR A 326 -21.76 -6.00 -2.69
C THR A 326 -21.24 -4.64 -3.12
N THR A 327 -22.14 -3.72 -3.43
CA THR A 327 -21.74 -2.39 -3.89
C THR A 327 -22.31 -1.25 -3.05
N LEU A 328 -21.50 -0.21 -2.88
CA LEU A 328 -21.87 0.95 -2.09
C LEU A 328 -21.84 2.25 -2.93
N THR A 329 -23.02 2.80 -3.18
CA THR A 329 -23.15 4.02 -3.97
C THR A 329 -23.82 5.12 -3.16
N HIS A 330 -23.52 6.36 -3.52
CA HIS A 330 -24.14 7.55 -2.94
C HIS A 330 -24.33 8.53 -4.07
N HIS A 331 -25.49 9.19 -4.10
CA HIS A 331 -25.81 10.09 -5.22
C HIS A 331 -24.83 11.25 -5.34
N LYS A 332 -24.34 11.76 -4.21
CA LYS A 332 -23.40 12.88 -4.21
C LYS A 332 -21.90 12.48 -4.28
N CYS A 333 -21.62 11.18 -4.37
CA CYS A 333 -20.24 10.69 -4.52
C CYS A 333 -19.94 10.28 -5.98
N GLY A 334 -19.42 11.22 -6.76
CA GLY A 334 -19.20 11.00 -8.19
C GLY A 334 -17.78 11.08 -8.71
N ALA A 335 -16.83 11.45 -7.86
CA ALA A 335 -15.43 11.58 -8.27
C ALA A 335 -14.69 10.28 -8.03
N ALA A 336 -13.52 10.13 -8.65
CA ALA A 336 -12.75 8.89 -8.61
C ALA A 336 -12.24 8.57 -7.20
N ILE A 337 -12.39 7.32 -6.79
CA ILE A 337 -11.84 6.86 -5.51
C ILE A 337 -10.45 6.27 -5.70
N ARG A 338 -9.46 6.83 -5.01
CA ARG A 338 -8.06 6.41 -5.17
C ARG A 338 -7.68 5.24 -4.28
N GLN A 339 -8.29 5.19 -3.10
CA GLN A 339 -7.97 4.18 -2.11
C GLN A 339 -9.08 4.05 -1.05
N THR A 340 -9.19 2.86 -0.45
CA THR A 340 -10.08 2.63 0.67
C THR A 340 -9.25 2.23 1.89
N SER A 341 -9.82 2.39 3.08
CA SER A 341 -9.19 1.89 4.30
C SER A 341 -10.24 1.44 5.32
N PHE A 342 -10.11 0.19 5.79
CA PHE A 342 -10.89 -0.32 6.91
C PHE A 342 -10.19 0.05 8.23
N SER A 343 -10.97 0.32 9.27
CA SER A 343 -10.41 0.38 10.61
C SER A 343 -9.98 -1.03 11.02
N ARG A 344 -9.21 -1.11 12.10
CA ARG A 344 -8.71 -2.39 12.59
C ARG A 344 -9.83 -3.34 13.02
N ASP A 345 -10.86 -2.80 13.67
CA ASP A 345 -12.01 -3.58 14.13
C ASP A 345 -13.01 -3.87 13.01
N SER A 346 -12.81 -3.25 11.85
CA SER A 346 -13.65 -3.40 10.63
C SER A 346 -15.02 -2.68 10.63
N SER A 347 -15.29 -1.81 11.60
CA SER A 347 -16.62 -1.16 11.67
C SER A 347 -16.75 0.08 10.77
N ILE A 348 -15.61 0.61 10.33
CA ILE A 348 -15.60 1.79 9.45
C ILE A 348 -14.77 1.56 8.19
N LEU A 349 -15.33 1.98 7.05
CA LEU A 349 -14.62 1.97 5.78
C LEU A 349 -14.54 3.40 5.25
N ILE A 350 -13.33 3.84 4.94
CA ILE A 350 -13.13 5.19 4.41
C ILE A 350 -12.67 5.12 2.95
N ALA A 351 -13.33 5.89 2.09
CA ALA A 351 -12.91 6.06 0.70
C ALA A 351 -12.47 7.51 0.48
N VAL A 352 -11.45 7.74 -0.33
CA VAL A 352 -11.02 9.13 -0.65
C VAL A 352 -10.98 9.40 -2.17
N CYS A 353 -11.17 10.67 -2.56
CA CYS A 353 -11.45 11.00 -3.96
C CYS A 353 -10.57 12.03 -4.64
N ASP A 354 -10.67 12.10 -5.96
CA ASP A 354 -9.88 13.05 -6.77
C ASP A 354 -10.28 14.51 -6.59
N ASP A 355 -11.47 14.74 -6.03
CA ASP A 355 -11.97 16.08 -5.75
C ASP A 355 -11.71 16.50 -4.30
N ALA A 356 -10.82 15.78 -3.60
CA ALA A 356 -10.47 15.98 -2.18
C ALA A 356 -11.55 15.57 -1.13
N SER A 357 -12.65 14.97 -1.61
CA SER A 357 -13.71 14.51 -0.73
C SER A 357 -13.30 13.24 0.05
N ILE A 358 -13.88 13.07 1.24
CA ILE A 358 -13.65 11.91 2.09
C ILE A 358 -15.03 11.34 2.40
N TRP A 359 -15.16 10.02 2.28
CA TRP A 359 -16.45 9.34 2.49
C TRP A 359 -16.34 8.28 3.58
N ARG A 360 -17.26 8.34 4.55
CA ARG A 360 -17.24 7.42 5.69
C ARG A 360 -18.45 6.50 5.64
N TRP A 361 -18.17 5.20 5.56
CA TRP A 361 -19.20 4.17 5.51
C TRP A 361 -19.11 3.35 6.79
N ASP A 362 -20.21 3.32 7.55
CA ASP A 362 -20.24 2.58 8.81
C ASP A 362 -20.91 1.23 8.67
N ARG A 363 -20.33 0.23 9.31
CA ARG A 363 -20.81 -1.14 9.21
C ARG A 363 -22.07 -1.39 10.04
N LEU A 364 -23.09 -1.93 9.37
CA LEU A 364 -24.27 -2.51 10.05
C LEU A 364 -24.02 -3.97 10.33
N ALA B 4 -3.33 4.39 -21.43
CA ALA B 4 -3.53 4.27 -19.95
C ALA B 4 -3.15 5.58 -19.26
N ARG B 5 -4.17 6.30 -18.79
CA ARG B 5 -3.99 7.60 -18.15
C ARG B 5 -4.22 7.53 -16.63
N M3L B 6 -3.59 8.44 -15.89
CA M3L B 6 -3.77 8.50 -14.43
CB M3L B 6 -2.65 9.30 -13.76
CG M3L B 6 -2.39 8.80 -12.34
CD M3L B 6 -1.19 9.49 -11.70
CE M3L B 6 -0.94 8.99 -10.28
NZ M3L B 6 0.11 9.71 -9.53
C M3L B 6 -5.12 9.06 -14.08
O M3L B 6 -5.69 8.72 -13.05
CM1 M3L B 6 -0.19 9.59 -8.10
CM2 M3L B 6 0.15 11.14 -9.85
CM3 M3L B 6 1.43 9.11 -9.76
N SER B 7 -5.63 9.93 -14.96
CA SER B 7 -6.99 10.51 -14.87
C SER B 7 -7.54 10.86 -16.26
N ALA B 8 -8.84 11.18 -16.31
CA ALA B 8 -9.58 11.50 -17.55
C ALA B 8 -8.79 12.36 -18.56
N GLY B 9 -8.22 11.70 -19.57
CA GLY B 9 -7.37 12.37 -20.58
C GLY B 9 -6.17 13.10 -19.99
N ALA B 10 -5.10 12.36 -19.71
CA ALA B 10 -3.91 12.94 -19.08
C ALA B 10 -2.70 12.99 -20.03
N ALA B 11 -1.68 12.15 -19.77
CA ALA B 11 -0.47 12.09 -20.59
C ALA B 11 0.32 10.80 -20.35
#